data_5FZI
#
_entry.id   5FZI
#
_cell.length_a   141.970
_cell.length_b   141.970
_cell.length_c   152.030
_cell.angle_alpha   90.00
_cell.angle_beta   90.00
_cell.angle_gamma   120.00
#
_symmetry.space_group_name_H-M   'P 65 2 2'
#
loop_
_entity.id
_entity.type
_entity.pdbx_description
1 polymer 'LYSINE-SPECIFIC DEMETHYLASE 5B'
2 non-polymer 'ZINC ION'
3 non-polymer 'MANGANESE (II) ION'
4 non-polymer 1,2-ETHANEDIOL
5 non-polymer 'DIMETHYL SULFOXIDE'
6 non-polymer '6-oxo-2-[(2-oxo-2-phenylethyl)sulfanyl]-1,6-dihydropyrimidine-5-carboxylic acid'
7 non-polymer 'PHOSPHATE ION'
8 non-polymer 'CHLORIDE ION'
9 water water
#
_entity_poly.entity_id   1
_entity_poly.type   'polypeptide(L)'
_entity_poly.pdbx_seq_one_letter_code
;SMFLPPPECPVFEPSWEEFADPFAFIHKIRPIAEQTGICKVRPPPDWQPPFACDVDKLHFTPRIQRLNELEAQTRVKLGG
GGARDYTLRTFGEMADAFKSDYFNMPVHMVPTELVEKEFWRLVSTIEEDVTVEYGADIASKEFGSGFPVRDGKIKLSPEE
EEYLDSGWNLNNMPVMEQSVLAHITADICGMKLPWLYVGMCFSSFCWHIEDHWSYSINYLHWGEPKTWYGVPGYAAEQLE
NVMKKLAPELFVSQPDLLHQLVTIMNPNTLMTHEVPVYRTNQCAGEFVITFPRAYHSGFNQGFNFAEAVNFCTVDWLPLG
RQCVEHYRLLHRYCVFSHDEMICKMASKADVLDVVVASTVQKDMAIMIEDEKALRETVRKLGVIDSERMDFELLPDDERQ
CVKCKTTCFMSAISCSCKPGLLVCLHHVKELCSCPPYKYKLRYRYTLDDLYPMMNALKLRAESYNEWALNVNEALEAKI
;
_entity_poly.pdbx_strand_id   A
#
# COMPACT_ATOMS: atom_id res chain seq x y z
N SER A 1 14.82 0.57 -29.48
CA SER A 1 15.99 1.41 -29.43
C SER A 1 15.64 2.72 -28.78
N MET A 2 14.44 3.20 -29.09
CA MET A 2 13.84 4.27 -28.32
C MET A 2 13.40 3.67 -26.98
N PHE A 3 12.59 2.62 -27.02
CA PHE A 3 12.19 1.94 -25.79
C PHE A 3 12.47 0.43 -25.85
N LEU A 4 13.23 -0.06 -24.89
CA LEU A 4 13.44 -1.50 -24.76
C LEU A 4 12.62 -2.07 -23.61
N PRO A 5 11.64 -2.92 -23.92
CA PRO A 5 10.80 -3.46 -22.84
C PRO A 5 11.61 -4.27 -21.85
N PRO A 6 11.39 -4.02 -20.55
CA PRO A 6 11.99 -4.86 -19.51
C PRO A 6 11.57 -6.32 -19.69
N PRO A 7 12.35 -7.25 -19.15
CA PRO A 7 11.93 -8.65 -19.21
C PRO A 7 10.59 -8.88 -18.49
N GLU A 8 9.88 -9.93 -18.91
CA GLU A 8 8.58 -10.25 -18.32
C GLU A 8 8.70 -10.76 -16.87
N CYS A 9 7.79 -10.30 -16.00
CA CYS A 9 7.71 -10.84 -14.64
C CYS A 9 7.13 -12.28 -14.68
N PRO A 10 7.28 -13.05 -13.58
CA PRO A 10 6.68 -14.39 -13.52
C PRO A 10 5.18 -14.36 -13.64
N VAL A 11 4.64 -15.37 -14.29
CA VAL A 11 3.20 -15.54 -14.41
C VAL A 11 2.87 -16.90 -13.83
N PHE A 12 1.95 -16.93 -12.88
CA PHE A 12 1.58 -18.19 -12.25
C PHE A 12 0.20 -18.62 -12.72
N GLU A 13 0.05 -19.91 -13.02
CA GLU A 13 -1.24 -20.47 -13.38
C GLU A 13 -1.58 -21.60 -12.42
N PRO A 14 -1.97 -21.26 -11.18
CA PRO A 14 -2.27 -22.29 -10.18
C PRO A 14 -3.49 -23.13 -10.51
N SER A 15 -3.44 -24.40 -10.10
CA SER A 15 -4.61 -25.26 -10.13
C SER A 15 -5.61 -24.75 -9.12
N TRP A 16 -6.84 -25.20 -9.19
CA TRP A 16 -7.82 -24.79 -8.19
C TRP A 16 -7.32 -25.16 -6.79
N GLU A 17 -6.75 -26.34 -6.64
CA GLU A 17 -6.21 -26.77 -5.35
C GLU A 17 -5.14 -25.80 -4.84
N GLU A 18 -4.19 -25.42 -5.69
CA GLU A 18 -3.14 -24.45 -5.35
C GLU A 18 -3.69 -23.05 -5.09
N PHE A 19 -4.78 -22.69 -5.77
CA PHE A 19 -5.31 -21.33 -5.82
C PHE A 19 -6.20 -21.00 -4.64
N ALA A 20 -7.00 -21.98 -4.24
CA ALA A 20 -8.07 -21.79 -3.26
C ALA A 20 -7.67 -20.93 -2.05
N ASP A 21 -6.52 -21.23 -1.45
CA ASP A 21 -6.04 -20.43 -0.31
C ASP A 21 -4.97 -19.42 -0.74
N PRO A 22 -5.36 -18.14 -0.85
CA PRO A 22 -4.45 -17.10 -1.32
C PRO A 22 -3.18 -17.02 -0.49
N PHE A 23 -3.30 -17.14 0.82
CA PHE A 23 -2.12 -17.01 1.69
C PHE A 23 -1.14 -18.15 1.49
N ALA A 24 -1.65 -19.37 1.35
CA ALA A 24 -0.78 -20.51 1.09
C ALA A 24 -0.11 -20.34 -0.27
N PHE A 25 -0.88 -19.85 -1.25
CA PHE A 25 -0.35 -19.68 -2.60
C PHE A 25 0.75 -18.64 -2.64
N ILE A 26 0.50 -17.48 -2.03
CA ILE A 26 1.49 -16.40 -2.00
C ILE A 26 2.78 -16.83 -1.29
N HIS A 27 2.66 -17.53 -0.16
CA HIS A 27 3.83 -18.07 0.53
C HIS A 27 4.63 -19.00 -0.39
N LYS A 28 3.95 -19.83 -1.17
CA LYS A 28 4.61 -20.76 -2.07
C LYS A 28 5.40 -20.06 -3.19
N ILE A 29 4.82 -19.04 -3.80
CA ILE A 29 5.48 -18.37 -4.94
C ILE A 29 6.50 -17.34 -4.50
N ARG A 30 6.50 -17.02 -3.21
CA ARG A 30 7.33 -15.92 -2.72
C ARG A 30 8.84 -16.04 -3.04
N PRO A 31 9.43 -17.26 -2.99
CA PRO A 31 10.86 -17.27 -3.33
C PRO A 31 11.16 -16.84 -4.77
N ILE A 32 10.25 -17.11 -5.69
CA ILE A 32 10.36 -16.65 -7.07
C ILE A 32 9.99 -15.18 -7.18
N ALA A 33 8.77 -14.86 -6.75
CA ALA A 33 8.20 -13.54 -6.97
C ALA A 33 8.92 -12.40 -6.25
N GLU A 34 9.53 -12.67 -5.09
CA GLU A 34 10.17 -11.57 -4.39
C GLU A 34 11.45 -11.11 -5.10
N GLN A 35 11.94 -11.92 -6.04
CA GLN A 35 13.11 -11.55 -6.83
C GLN A 35 12.73 -10.62 -7.99
N THR A 36 11.44 -10.56 -8.29
CA THR A 36 11.01 -9.70 -9.39
C THR A 36 10.14 -8.54 -8.92
N GLY A 37 9.74 -8.57 -7.66
CA GLY A 37 8.92 -7.50 -7.09
C GLY A 37 7.44 -7.62 -7.37
N ILE A 38 7.08 -7.85 -8.63
CA ILE A 38 5.69 -8.11 -8.99
C ILE A 38 5.60 -9.47 -9.66
N CYS A 39 4.39 -10.02 -9.67
CA CYS A 39 4.11 -11.21 -10.46
C CYS A 39 2.66 -11.19 -10.86
N LYS A 40 2.30 -12.00 -11.84
CA LYS A 40 0.94 -12.05 -12.31
C LYS A 40 0.37 -13.42 -12.00
N VAL A 41 -0.91 -13.46 -11.69
CA VAL A 41 -1.58 -14.71 -11.35
C VAL A 41 -2.82 -14.88 -12.19
N ARG A 42 -2.85 -15.95 -12.98
CA ARG A 42 -4.03 -16.31 -13.76
C ARG A 42 -4.84 -17.35 -12.99
N PRO A 43 -6.05 -16.99 -12.57
CA PRO A 43 -6.85 -17.93 -11.78
C PRO A 43 -7.27 -19.11 -12.65
N PRO A 44 -7.58 -20.26 -12.03
CA PRO A 44 -8.06 -21.43 -12.77
C PRO A 44 -9.32 -21.08 -13.56
N PRO A 45 -9.61 -21.81 -14.64
CA PRO A 45 -10.76 -21.58 -15.53
C PRO A 45 -12.08 -21.55 -14.75
N ASP A 46 -12.14 -22.43 -13.76
CA ASP A 46 -13.12 -22.41 -12.69
C ASP A 46 -13.50 -20.98 -12.30
N TRP A 47 -12.54 -20.29 -11.69
CA TRP A 47 -12.80 -19.02 -11.00
C TRP A 47 -13.18 -17.88 -11.95
N GLN A 48 -14.45 -17.49 -11.92
CA GLN A 48 -14.98 -16.45 -12.80
C GLN A 48 -16.01 -15.62 -12.10
N PRO A 49 -15.58 -14.58 -11.40
CA PRO A 49 -16.57 -13.81 -10.65
C PRO A 49 -17.46 -13.02 -11.58
N PRO A 50 -18.69 -12.75 -11.15
CA PRO A 50 -19.64 -11.94 -11.91
C PRO A 50 -19.11 -10.53 -12.06
N PHE A 51 -19.23 -9.98 -13.25
CA PHE A 51 -18.90 -8.58 -13.49
C PHE A 51 -20.17 -7.98 -14.07
N ALA A 52 -20.95 -7.34 -13.22
CA ALA A 52 -22.23 -6.83 -13.66
C ALA A 52 -22.40 -5.42 -13.17
N CYS A 53 -22.66 -4.51 -14.10
CA CYS A 53 -23.06 -3.18 -13.68
C CYS A 53 -23.84 -2.46 -14.75
N ASP A 54 -24.67 -1.53 -14.31
CA ASP A 54 -25.26 -0.57 -15.20
C ASP A 54 -24.38 0.68 -15.20
N VAL A 55 -23.69 0.90 -16.32
CA VAL A 55 -22.73 1.99 -16.39
C VAL A 55 -23.38 3.36 -16.30
N ASP A 56 -24.70 3.41 -16.47
CA ASP A 56 -25.43 4.67 -16.37
C ASP A 56 -25.68 5.11 -14.93
N LYS A 57 -25.57 4.20 -13.97
CA LYS A 57 -25.88 4.57 -12.59
C LYS A 57 -24.67 4.71 -11.68
N LEU A 58 -23.50 4.33 -12.19
CA LEU A 58 -22.27 4.48 -11.44
C LEU A 58 -21.60 5.82 -11.75
N HIS A 59 -21.45 6.68 -10.74
CA HIS A 59 -20.91 8.04 -10.87
CA HIS A 59 -20.78 7.93 -11.02
C HIS A 59 -19.61 8.15 -10.08
N PHE A 60 -18.66 8.95 -10.54
CA PHE A 60 -17.47 9.24 -9.75
C PHE A 60 -16.87 10.57 -10.18
N THR A 61 -16.02 11.13 -9.32
CA THR A 61 -15.37 12.39 -9.63
C THR A 61 -14.01 12.13 -10.27
N PRO A 62 -13.81 12.61 -11.49
CA PRO A 62 -12.56 12.34 -12.20
C PRO A 62 -11.38 13.14 -11.65
N ARG A 63 -10.20 12.56 -11.70
CA ARG A 63 -8.97 13.29 -11.40
C ARG A 63 -8.24 13.57 -12.72
N ILE A 64 -7.57 14.71 -12.80
CA ILE A 64 -6.87 15.09 -14.02
C ILE A 64 -5.37 14.83 -13.85
N GLN A 65 -4.73 14.40 -14.93
CA GLN A 65 -3.34 14.03 -14.88
C GLN A 65 -2.58 14.51 -16.10
N ARG A 66 -1.50 15.26 -15.87
CA ARG A 66 -0.54 15.60 -16.91
C ARG A 66 0.49 14.48 -16.98
N LEU A 67 1.01 14.21 -18.16
CA LEU A 67 1.94 13.11 -18.36
C LEU A 67 3.33 13.57 -18.80
N ASN A 68 4.12 14.03 -17.84
CA ASN A 68 5.50 14.44 -18.09
C ASN A 68 6.45 13.68 -17.20
N GLU A 69 7.44 13.04 -17.82
CA GLU A 69 8.44 12.33 -17.05
C GLU A 69 9.16 13.27 -16.08
N LEU A 70 9.33 12.79 -14.85
CA LEU A 70 10.07 13.45 -13.77
C LEU A 70 9.32 14.65 -13.17
N GLU A 71 8.13 14.93 -13.66
CA GLU A 71 7.32 15.99 -13.07
C GLU A 71 6.66 15.49 -11.77
N ALA A 72 6.67 16.31 -10.73
CA ALA A 72 6.09 15.91 -9.45
C ALA A 72 4.59 15.77 -9.57
N GLN A 73 4.06 14.68 -9.03
CA GLN A 73 2.61 14.51 -8.91
C GLN A 73 2.32 14.23 -7.45
N THR A 74 1.14 14.61 -6.99
N THR A 74 1.16 14.63 -6.97
CA THR A 74 0.75 14.39 -5.61
CA THR A 74 0.81 14.35 -5.59
C THR A 74 -0.03 13.08 -5.48
C THR A 74 0.01 13.06 -5.49
N ARG A 75 0.27 12.31 -4.44
CA ARG A 75 -0.42 11.07 -4.16
C ARG A 75 -1.94 11.28 -4.03
N VAL A 76 -2.70 10.36 -4.62
CA VAL A 76 -4.15 10.39 -4.53
C VAL A 76 -4.63 10.44 -3.09
N LYS A 77 -5.52 11.39 -2.79
CA LYS A 77 -6.12 11.48 -1.47
C LYS A 77 -7.59 11.10 -1.56
N LEU A 78 -8.10 10.42 -0.53
CA LEU A 78 -9.50 10.01 -0.48
C LEU A 78 -10.46 11.17 -0.72
N GLY A 79 -11.33 11.02 -1.72
CA GLY A 79 -12.40 11.98 -1.99
C GLY A 79 -11.97 13.38 -2.39
N GLY A 80 -10.88 13.49 -3.15
CA GLY A 80 -10.42 14.79 -3.65
C GLY A 80 -11.16 15.19 -4.91
N GLY A 81 -10.44 15.22 -6.02
CA GLY A 81 -11.06 15.43 -7.33
C GLY A 81 -11.76 16.75 -7.57
N GLY A 82 -12.82 17.02 -6.80
CA GLY A 82 -13.61 18.23 -6.97
C GLY A 82 -15.10 18.01 -7.01
N ALA A 83 -15.77 18.71 -7.92
CA ALA A 83 -17.23 18.65 -8.04
C ALA A 83 -17.69 18.05 -9.37
N ARG A 84 -16.79 18.02 -10.36
CA ARG A 84 -17.08 17.44 -11.68
C ARG A 84 -17.50 15.97 -11.57
N ASP A 85 -18.16 15.46 -12.60
CA ASP A 85 -18.77 14.14 -12.48
C ASP A 85 -18.98 13.40 -13.81
N TYR A 86 -18.57 12.12 -13.82
CA TYR A 86 -18.80 11.24 -14.96
C TYR A 86 -19.66 10.10 -14.49
N THR A 87 -20.50 9.56 -15.36
CA THR A 87 -20.95 8.20 -15.10
C THR A 87 -19.90 7.27 -15.69
N LEU A 88 -19.94 6.00 -15.32
CA LEU A 88 -19.05 5.05 -15.95
C LEU A 88 -19.32 5.06 -17.47
N ARG A 89 -20.55 5.36 -17.90
CA ARG A 89 -20.80 5.41 -19.33
C ARG A 89 -20.15 6.61 -20.01
N THR A 90 -20.34 7.82 -19.48
CA THR A 90 -19.78 9.00 -20.14
C THR A 90 -18.25 8.99 -20.05
N PHE A 91 -17.70 8.40 -18.99
CA PHE A 91 -16.25 8.30 -18.89
C PHE A 91 -15.73 7.35 -19.97
N GLY A 92 -16.39 6.20 -20.10
CA GLY A 92 -16.00 5.22 -21.09
C GLY A 92 -16.09 5.76 -22.51
N GLU A 93 -17.13 6.54 -22.78
CA GLU A 93 -17.30 7.14 -24.09
C GLU A 93 -16.18 8.15 -24.35
N MET A 94 -15.88 8.97 -23.35
CA MET A 94 -14.77 9.91 -23.45
C MET A 94 -13.46 9.15 -23.68
N ALA A 95 -13.25 8.10 -22.91
CA ALA A 95 -11.97 7.39 -22.96
C ALA A 95 -11.74 6.67 -24.30
N ASP A 96 -12.79 6.00 -24.79
CA ASP A 96 -12.69 5.29 -26.07
C ASP A 96 -12.48 6.28 -27.22
N ALA A 97 -13.17 7.41 -27.19
CA ALA A 97 -12.98 8.43 -28.22
C ALA A 97 -11.56 8.99 -28.18
N PHE A 98 -11.04 9.25 -26.97
CA PHE A 98 -9.69 9.75 -26.83
C PHE A 98 -8.69 8.81 -27.50
N LYS A 99 -8.80 7.53 -27.18
CA LYS A 99 -7.82 6.58 -27.69
C LYS A 99 -7.97 6.40 -29.19
N SER A 100 -9.21 6.27 -29.67
CA SER A 100 -9.36 5.97 -31.08
C SER A 100 -8.99 7.21 -31.92
N ASP A 101 -9.30 8.40 -31.40
CA ASP A 101 -8.88 9.66 -32.03
C ASP A 101 -7.36 9.83 -32.03
N TYR A 102 -6.73 9.43 -30.93
CA TYR A 102 -5.29 9.56 -30.77
C TYR A 102 -4.51 8.75 -31.80
N PHE A 103 -5.01 7.55 -32.11
CA PHE A 103 -4.28 6.64 -32.98
C PHE A 103 -4.90 6.53 -34.36
N ASN A 104 -6.09 7.11 -34.52
CA ASN A 104 -6.94 6.94 -35.70
C ASN A 104 -7.13 5.45 -36.00
N MET A 105 -7.33 4.66 -34.95
CA MET A 105 -7.56 3.22 -35.06
C MET A 105 -8.62 2.80 -34.04
N PRO A 106 -9.39 1.74 -34.32
CA PRO A 106 -10.22 1.16 -33.26
C PRO A 106 -9.40 0.72 -32.03
N VAL A 107 -9.94 0.81 -30.82
N VAL A 107 -10.12 0.45 -30.94
CA VAL A 107 -9.10 0.75 -29.61
CA VAL A 107 -9.67 -0.43 -29.84
C VAL A 107 -8.38 -0.61 -29.42
C VAL A 107 -8.89 -1.67 -30.28
N HIS A 108 -8.96 -1.68 -29.93
N HIS A 108 -9.49 -2.49 -31.15
CA HIS A 108 -8.36 -2.98 -29.71
CA HIS A 108 -8.89 -3.72 -31.67
C HIS A 108 -7.30 -3.34 -30.74
C HIS A 108 -7.46 -3.55 -32.05
N MET A 109 -7.18 -2.54 -31.81
N MET A 109 -7.22 -2.44 -32.72
CA MET A 109 -6.24 -2.91 -32.85
CA MET A 109 -6.07 -2.32 -33.57
C MET A 109 -4.89 -2.25 -32.59
C MET A 109 -4.80 -2.00 -32.80
N VAL A 110 -4.88 -1.27 -31.69
CA VAL A 110 -3.63 -0.74 -31.18
C VAL A 110 -2.91 -1.77 -30.32
N PRO A 111 -1.75 -2.25 -30.80
CA PRO A 111 -0.95 -3.22 -30.06
C PRO A 111 -0.43 -2.65 -28.76
N THR A 112 -0.39 -3.48 -27.73
CA THR A 112 0.05 -3.04 -26.42
C THR A 112 1.48 -2.56 -26.47
N GLU A 113 2.30 -3.19 -27.31
N GLU A 113 2.28 -3.22 -27.31
CA GLU A 113 3.70 -2.79 -27.44
CA GLU A 113 3.67 -2.83 -27.57
C GLU A 113 3.81 -1.38 -28.07
C GLU A 113 3.76 -1.37 -28.02
N LEU A 114 2.81 -0.99 -28.86
CA LEU A 114 2.81 0.33 -29.47
C LEU A 114 2.37 1.40 -28.49
N VAL A 115 1.29 1.13 -27.74
CA VAL A 115 0.83 2.06 -26.72
C VAL A 115 1.95 2.31 -25.71
N GLU A 116 2.66 1.25 -25.33
CA GLU A 116 3.79 1.36 -24.43
C GLU A 116 4.90 2.25 -24.99
N LYS A 117 5.26 1.98 -26.25
CA LYS A 117 6.26 2.80 -26.94
C LYS A 117 5.81 4.27 -26.97
N GLU A 118 4.55 4.49 -27.33
N GLU A 118 4.57 4.54 -27.36
CA GLU A 118 4.02 5.84 -27.44
CA GLU A 118 4.13 5.93 -27.44
C GLU A 118 3.97 6.55 -26.09
C GLU A 118 4.02 6.57 -26.06
N PHE A 119 3.64 5.79 -25.05
CA PHE A 119 3.60 6.36 -23.69
C PHE A 119 4.96 6.92 -23.31
N TRP A 120 6.01 6.14 -23.50
CA TRP A 120 7.33 6.62 -23.09
C TRP A 120 7.82 7.75 -24.01
N ARG A 121 7.34 7.80 -25.25
CA ARG A 121 7.67 8.95 -26.12
C ARG A 121 6.98 10.21 -25.61
N LEU A 122 5.67 10.13 -25.37
CA LEU A 122 4.92 11.33 -25.06
C LEU A 122 5.27 11.91 -23.70
N VAL A 123 5.64 11.06 -22.73
CA VAL A 123 5.99 11.60 -21.43
C VAL A 123 7.39 12.23 -21.41
N SER A 124 8.24 11.90 -22.39
CA SER A 124 9.58 12.51 -22.45
C SER A 124 9.63 13.73 -23.36
N THR A 125 8.57 13.94 -24.13
CA THR A 125 8.53 14.98 -25.16
C THR A 125 7.63 16.13 -24.68
N ILE A 126 8.16 17.09 -23.95
CA ILE A 126 7.24 18.05 -23.34
C ILE A 126 6.79 19.14 -24.33
N GLU A 127 7.15 18.99 -25.60
CA GLU A 127 6.40 19.69 -26.66
C GLU A 127 4.95 19.16 -26.62
N GLU A 128 4.78 17.91 -26.21
CA GLU A 128 3.46 17.33 -26.02
C GLU A 128 2.91 17.68 -24.64
N ASP A 129 1.65 18.10 -24.58
CA ASP A 129 0.98 18.31 -23.28
C ASP A 129 -0.32 17.48 -23.22
N VAL A 130 -0.17 16.17 -23.23
CA VAL A 130 -1.30 15.27 -23.12
C VAL A 130 -1.81 15.24 -21.68
N THR A 131 -3.10 15.44 -21.49
CA THR A 131 -3.66 15.28 -20.17
C THR A 131 -4.78 14.26 -20.25
N VAL A 132 -4.91 13.44 -19.21
CA VAL A 132 -5.94 12.43 -19.20
C VAL A 132 -6.65 12.47 -17.85
N GLU A 133 -7.72 11.71 -17.72
CA GLU A 133 -8.49 11.67 -16.48
C GLU A 133 -8.64 10.23 -16.00
N TYR A 134 -8.95 10.05 -14.73
CA TYR A 134 -9.11 8.71 -14.20
C TYR A 134 -9.93 8.76 -12.93
N GLY A 135 -10.30 7.59 -12.41
CA GLY A 135 -11.03 7.52 -11.17
C GLY A 135 -10.19 6.78 -10.17
N ALA A 136 -10.21 7.23 -8.92
CA ALA A 136 -9.52 6.52 -7.84
C ALA A 136 -10.19 6.86 -6.53
N ASP A 137 -10.75 5.84 -5.88
CA ASP A 137 -11.36 6.03 -4.56
C ASP A 137 -11.73 4.71 -3.96
N ILE A 138 -12.08 4.71 -2.68
CA ILE A 138 -12.58 3.49 -2.03
C ILE A 138 -14.05 3.34 -2.37
N ALA A 139 -14.59 2.13 -2.14
CA ALA A 139 -16.01 1.88 -2.42
C ALA A 139 -16.91 2.86 -1.68
N SER A 140 -17.98 3.29 -2.34
CA SER A 140 -18.99 4.15 -1.74
C SER A 140 -20.36 3.75 -2.27
N LYS A 141 -21.40 4.37 -1.74
CA LYS A 141 -22.77 4.06 -2.16
C LYS A 141 -23.00 4.44 -3.62
N GLU A 142 -22.18 5.34 -4.15
CA GLU A 142 -22.32 5.81 -5.53
C GLU A 142 -21.55 4.92 -6.52
N PHE A 143 -20.55 4.22 -5.99
CA PHE A 143 -19.67 3.39 -6.80
C PHE A 143 -19.06 2.32 -5.89
N GLY A 144 -19.62 1.12 -5.92
CA GLY A 144 -19.23 0.07 -4.99
C GLY A 144 -18.15 -0.86 -5.52
N SER A 145 -17.78 -1.84 -4.70
CA SER A 145 -16.82 -2.85 -5.10
C SER A 145 -17.26 -3.55 -6.38
N GLY A 146 -16.29 -4.02 -7.16
CA GLY A 146 -16.61 -4.83 -8.32
C GLY A 146 -16.80 -6.29 -7.92
N PHE A 147 -16.52 -6.61 -6.66
CA PHE A 147 -16.78 -7.96 -6.14
C PHE A 147 -18.13 -7.99 -5.39
N PRO A 148 -18.74 -9.18 -5.28
CA PRO A 148 -19.97 -9.29 -4.48
C PRO A 148 -19.75 -8.93 -3.02
N VAL A 149 -20.62 -8.10 -2.46
CA VAL A 149 -20.60 -7.83 -1.03
C VAL A 149 -22.00 -8.05 -0.47
N ARG A 150 -22.12 -8.35 0.82
CA ARG A 150 -23.43 -8.61 1.41
C ARG A 150 -24.23 -7.31 1.57
N ASP A 151 -25.51 -7.42 1.21
CA ASP A 151 -26.47 -6.32 1.21
C ASP A 151 -27.75 -6.90 0.61
N GLY A 152 -28.91 -6.30 0.88
CA GLY A 152 -30.12 -6.77 0.24
C GLY A 152 -31.02 -5.67 -0.31
N ILE A 154 -31.27 -5.57 -1.63
CA ILE A 154 -30.67 -6.28 -2.80
C ILE A 154 -30.41 -7.80 -2.84
N LYS A 155 -31.13 -8.49 -3.73
CA LYS A 155 -31.04 -9.93 -3.87
C LYS A 155 -29.92 -10.37 -4.80
N LEU A 156 -29.01 -11.21 -4.29
CA LEU A 156 -27.86 -11.66 -5.04
C LEU A 156 -28.17 -12.93 -5.83
N SER A 157 -27.59 -13.03 -7.02
CA SER A 157 -27.67 -14.26 -7.81
C SER A 157 -26.90 -15.37 -7.11
N PRO A 158 -27.25 -16.64 -7.38
CA PRO A 158 -26.49 -17.76 -6.82
C PRO A 158 -25.00 -17.68 -7.18
N GLU A 159 -24.69 -17.16 -8.37
CA GLU A 159 -23.30 -17.05 -8.81
C GLU A 159 -22.55 -15.94 -8.06
N GLU A 160 -23.26 -14.85 -7.73
CA GLU A 160 -22.69 -13.81 -6.88
C GLU A 160 -22.42 -14.36 -5.48
N GLU A 161 -23.36 -15.15 -4.97
CA GLU A 161 -23.21 -15.71 -3.64
C GLU A 161 -21.99 -16.60 -3.56
N GLU A 162 -21.71 -17.32 -4.64
CA GLU A 162 -20.52 -18.17 -4.74
C GLU A 162 -19.21 -17.43 -4.41
N TYR A 163 -19.18 -16.13 -4.67
CA TYR A 163 -17.92 -15.38 -4.57
C TYR A 163 -17.87 -14.48 -3.34
N LEU A 164 -18.91 -14.51 -2.52
CA LEU A 164 -18.96 -13.66 -1.34
C LEU A 164 -17.82 -13.93 -0.37
N ASP A 165 -17.48 -15.19 -0.19
CA ASP A 165 -16.52 -15.59 0.82
C ASP A 165 -15.24 -16.10 0.20
N SER A 166 -15.04 -15.81 -1.08
CA SER A 166 -13.78 -16.18 -1.72
C SER A 166 -12.62 -15.47 -1.03
N GLY A 167 -11.52 -16.18 -0.87
CA GLY A 167 -10.31 -15.55 -0.36
C GLY A 167 -9.74 -14.54 -1.36
N TRP A 168 -10.13 -14.66 -2.63
CA TRP A 168 -9.64 -13.73 -3.66
C TRP A 168 -10.64 -12.65 -3.98
N ASN A 169 -11.74 -12.63 -3.25
CA ASN A 169 -12.62 -11.47 -3.22
C ASN A 169 -11.93 -10.44 -2.30
N LEU A 170 -11.43 -9.35 -2.88
CA LEU A 170 -10.50 -8.48 -2.16
C LEU A 170 -11.13 -7.74 -0.96
N ASN A 171 -12.45 -7.68 -0.90
CA ASN A 171 -13.10 -7.20 0.33
C ASN A 171 -12.79 -8.07 1.54
N ASN A 172 -12.50 -9.33 1.28
CA ASN A 172 -12.24 -10.28 2.36
C ASN A 172 -10.81 -10.34 2.87
N MET A 173 -9.84 -10.13 1.97
CA MET A 173 -8.43 -10.33 2.29
C MET A 173 -7.95 -9.65 3.56
N PRO A 174 -8.40 -8.40 3.83
CA PRO A 174 -7.95 -7.81 5.09
C PRO A 174 -8.38 -8.60 6.32
N VAL A 175 -9.63 -9.07 6.33
CA VAL A 175 -10.25 -9.61 7.54
C VAL A 175 -10.10 -11.11 7.68
N MET A 176 -9.21 -11.70 6.88
CA MET A 176 -8.93 -13.12 7.02
C MET A 176 -7.83 -13.35 8.06
N GLU A 177 -7.83 -14.54 8.66
CA GLU A 177 -7.04 -14.78 9.87
C GLU A 177 -5.52 -14.79 9.63
N GLN A 178 -5.11 -15.01 8.38
CA GLN A 178 -3.69 -15.05 8.05
C GLN A 178 -3.18 -13.64 7.71
N SER A 179 -4.10 -12.69 7.68
CA SER A 179 -3.75 -11.28 7.52
C SER A 179 -3.56 -10.61 8.90
N VAL A 180 -2.48 -9.86 9.08
CA VAL A 180 -2.24 -9.27 10.41
C VAL A 180 -2.86 -7.89 10.54
N LEU A 181 -3.16 -7.22 9.41
CA LEU A 181 -3.90 -5.95 9.44
C LEU A 181 -5.32 -6.14 9.93
N ALA A 182 -5.73 -7.41 10.00
CA ALA A 182 -7.10 -7.78 10.35
C ALA A 182 -7.47 -7.31 11.73
N HIS A 183 -6.54 -7.54 12.64
N HIS A 183 -6.61 -7.57 12.70
CA HIS A 183 -6.75 -7.38 14.07
CA HIS A 183 -6.99 -7.32 14.09
C HIS A 183 -6.71 -5.91 14.49
C HIS A 183 -6.71 -5.87 14.51
N ILE A 184 -6.14 -5.07 13.61
CA ILE A 184 -6.04 -3.63 13.87
C ILE A 184 -7.44 -3.05 14.09
N THR A 185 -7.67 -2.52 15.28
CA THR A 185 -8.97 -1.98 15.62
C THR A 185 -9.14 -0.61 14.98
N ALA A 186 -8.06 0.18 15.00
CA ALA A 186 -8.09 1.52 14.45
C ALA A 186 -8.41 1.51 12.96
N ASP A 187 -9.55 2.08 12.60
CA ASP A 187 -9.92 2.28 11.21
C ASP A 187 -8.81 3.05 10.51
N ILE A 188 -8.39 2.54 9.35
CA ILE A 188 -7.41 3.19 8.51
C ILE A 188 -7.87 2.98 7.07
N CYS A 189 -9.00 3.58 6.75
CA CYS A 189 -9.75 3.34 5.52
C CYS A 189 -8.88 3.27 4.28
N GLY A 190 -8.00 4.26 4.14
CA GLY A 190 -7.08 4.31 3.01
C GLY A 190 -6.24 3.05 2.84
N MET A 191 -6.05 2.29 3.91
CA MET A 191 -5.15 1.16 3.89
C MET A 191 -5.81 -0.22 3.88
N LYS A 192 -6.81 -0.43 4.73
CA LYS A 192 -7.43 -1.75 4.89
C LYS A 192 -8.55 -2.04 3.88
N LEU A 193 -9.05 -1.00 3.24
CA LEU A 193 -10.17 -1.15 2.31
C LEU A 193 -9.65 -1.12 0.88
N PRO A 194 -10.32 -1.85 -0.03
CA PRO A 194 -9.90 -1.83 -1.44
C PRO A 194 -10.08 -0.47 -2.08
N TRP A 195 -9.19 -0.14 -3.02
CA TRP A 195 -9.35 1.03 -3.87
C TRP A 195 -9.92 0.63 -5.22
N LEU A 196 -10.76 1.50 -5.78
CA LEU A 196 -11.35 1.29 -7.09
C LEU A 196 -10.70 2.23 -8.11
N TYR A 197 -10.24 1.69 -9.23
CA TYR A 197 -9.48 2.47 -10.20
C TYR A 197 -10.13 2.38 -11.57
N VAL A 198 -10.62 3.50 -12.07
CA VAL A 198 -11.14 3.53 -13.42
C VAL A 198 -10.12 4.19 -14.32
N GLY A 199 -9.61 3.46 -15.30
CA GLY A 199 -8.51 3.94 -16.12
C GLY A 199 -8.92 4.28 -17.55
N MET A 200 -8.05 5.02 -18.23
CA MET A 200 -8.17 5.26 -19.67
C MET A 200 -6.77 5.22 -20.28
N CYS A 201 -6.68 5.19 -21.60
CA CYS A 201 -5.39 5.10 -22.29
C CYS A 201 -4.43 6.15 -21.75
N PHE A 202 -3.25 5.67 -21.31
CA PHE A 202 -2.15 6.46 -20.75
C PHE A 202 -2.32 6.95 -19.30
N SER A 203 -3.52 6.81 -18.70
CA SER A 203 -3.63 7.24 -17.31
C SER A 203 -2.70 6.33 -16.51
N SER A 204 -1.97 6.92 -15.57
CA SER A 204 -0.86 6.18 -15.03
C SER A 204 -0.74 6.29 -13.52
N PHE A 205 -0.05 5.30 -12.96
CA PHE A 205 0.29 5.38 -11.56
C PHE A 205 1.81 5.46 -11.46
N CYS A 206 2.29 6.49 -10.77
CA CYS A 206 3.70 6.79 -10.59
C CYS A 206 4.40 5.77 -9.72
N TRP A 207 5.73 5.79 -9.76
CA TRP A 207 6.56 4.89 -8.98
C TRP A 207 6.33 5.06 -7.47
N HIS A 208 6.06 3.95 -6.78
CA HIS A 208 5.86 4.00 -5.33
C HIS A 208 6.01 2.62 -4.74
N ILE A 209 6.12 2.59 -3.42
CA ILE A 209 5.92 1.35 -2.67
C ILE A 209 4.72 1.56 -1.75
N GLU A 210 4.18 0.47 -1.22
CA GLU A 210 2.99 0.59 -0.37
C GLU A 210 3.37 1.12 1.02
N ASP A 211 2.42 1.77 1.67
CA ASP A 211 2.58 2.19 3.06
C ASP A 211 3.00 1.01 3.93
N HIS A 212 3.94 1.27 4.84
CA HIS A 212 4.47 0.24 5.74
C HIS A 212 5.06 -0.96 5.03
N TRP A 213 5.46 -0.77 3.77
CA TRP A 213 6.05 -1.85 2.95
C TRP A 213 5.14 -3.08 2.84
N SER A 214 3.84 -2.85 2.80
CA SER A 214 2.91 -3.97 2.72
C SER A 214 2.90 -4.56 1.30
N TYR A 215 2.32 -5.75 1.19
CA TYR A 215 1.94 -6.34 -0.09
C TYR A 215 0.81 -5.54 -0.69
N SER A 216 0.61 -5.65 -2.01
CA SER A 216 -0.69 -5.27 -2.56
C SER A 216 -1.14 -6.37 -3.54
N ILE A 217 -2.44 -6.46 -3.73
CA ILE A 217 -2.99 -7.36 -4.72
C ILE A 217 -4.00 -6.56 -5.52
N ASN A 218 -3.89 -6.65 -6.85
N ASN A 218 -3.94 -6.74 -6.83
CA ASN A 218 -4.68 -5.87 -7.79
CA ASN A 218 -4.65 -5.91 -7.78
C ASN A 218 -5.43 -6.84 -8.69
C ASN A 218 -5.40 -6.80 -8.76
N TYR A 219 -6.72 -6.60 -8.87
CA TYR A 219 -7.52 -7.41 -9.78
C TYR A 219 -8.09 -6.52 -10.87
N LEU A 220 -7.89 -6.91 -12.12
CA LEU A 220 -8.50 -6.19 -13.24
C LEU A 220 -9.83 -6.84 -13.59
N HIS A 221 -10.94 -6.18 -13.23
CA HIS A 221 -12.27 -6.74 -13.40
C HIS A 221 -12.65 -6.87 -14.88
N TRP A 222 -12.45 -5.80 -15.62
CA TRP A 222 -12.80 -5.75 -17.04
C TRP A 222 -12.06 -4.64 -17.75
N GLY A 223 -11.97 -4.77 -19.06
CA GLY A 223 -11.44 -3.72 -19.89
C GLY A 223 -10.11 -4.06 -20.53
N GLU A 224 -9.51 -3.04 -21.11
CA GLU A 224 -8.23 -3.17 -21.76
C GLU A 224 -7.15 -3.34 -20.70
N PRO A 225 -6.00 -3.91 -21.08
CA PRO A 225 -4.96 -4.26 -20.11
C PRO A 225 -4.34 -3.08 -19.33
N LYS A 226 -3.72 -3.45 -18.23
CA LYS A 226 -2.96 -2.48 -17.43
C LYS A 226 -1.51 -2.91 -17.50
N THR A 227 -0.63 -1.99 -17.94
CA THR A 227 0.77 -2.32 -18.07
C THR A 227 1.54 -1.97 -16.80
N TRP A 228 2.34 -2.92 -16.30
CA TRP A 228 3.06 -2.74 -15.04
C TRP A 228 4.56 -2.78 -15.21
N TYR A 229 5.27 -2.02 -14.39
CA TYR A 229 6.71 -2.21 -14.18
C TYR A 229 6.94 -2.45 -12.71
N GLY A 230 7.84 -3.37 -12.38
CA GLY A 230 8.10 -3.72 -10.99
C GLY A 230 9.59 -3.90 -10.74
N VAL A 231 9.99 -3.60 -9.51
CA VAL A 231 11.37 -3.70 -9.07
C VAL A 231 11.39 -4.48 -7.75
N PRO A 232 12.25 -5.51 -7.63
CA PRO A 232 12.26 -6.30 -6.40
C PRO A 232 12.63 -5.46 -5.17
N GLY A 233 12.15 -5.90 -4.02
CA GLY A 233 12.43 -5.22 -2.76
C GLY A 233 13.91 -4.97 -2.50
N TYR A 234 14.79 -5.91 -2.86
CA TYR A 234 16.20 -5.74 -2.54
C TYR A 234 16.82 -4.54 -3.26
N ALA A 235 16.18 -4.04 -4.31
CA ALA A 235 16.75 -2.94 -5.08
C ALA A 235 16.06 -1.62 -4.82
N ALA A 236 15.27 -1.54 -3.74
CA ALA A 236 14.52 -0.33 -3.44
C ALA A 236 15.41 0.91 -3.26
N GLU A 237 16.50 0.76 -2.52
CA GLU A 237 17.37 1.90 -2.25
C GLU A 237 18.19 2.29 -3.49
N GLN A 238 18.62 1.31 -4.26
CA GLN A 238 19.18 1.59 -5.59
C GLN A 238 18.29 2.52 -6.39
N LEU A 239 17.00 2.17 -6.51
CA LEU A 239 16.06 2.96 -7.28
C LEU A 239 15.94 4.36 -6.72
N GLU A 240 15.84 4.45 -5.40
CA GLU A 240 15.64 5.73 -4.75
C GLU A 240 16.84 6.65 -5.02
N ASN A 241 18.04 6.07 -5.01
CA ASN A 241 19.24 6.83 -5.35
C ASN A 241 19.21 7.34 -6.78
N VAL A 242 18.80 6.49 -7.72
CA VAL A 242 18.70 6.93 -9.10
C VAL A 242 17.72 8.09 -9.17
N MET A 243 16.62 7.96 -8.45
CA MET A 243 15.58 8.96 -8.49
C MET A 243 15.98 10.27 -7.82
N LYS A 244 16.73 10.19 -6.73
CA LYS A 244 17.13 11.40 -6.02
C LYS A 244 18.12 12.24 -6.84
N LYS A 245 18.80 11.61 -7.78
CA LYS A 245 19.77 12.34 -8.60
C LYS A 245 19.08 12.98 -9.81
N LEU A 246 18.11 12.28 -10.40
CA LEU A 246 17.38 12.80 -11.56
C LEU A 246 16.21 13.70 -11.17
N ALA A 247 15.64 13.48 -9.99
CA ALA A 247 14.48 14.27 -9.56
C ALA A 247 14.54 14.58 -8.07
N PRO A 248 15.51 15.41 -7.65
CA PRO A 248 15.76 15.73 -6.24
C PRO A 248 14.57 16.42 -5.56
N GLU A 249 13.77 17.12 -6.36
CA GLU A 249 12.60 17.82 -5.87
C GLU A 249 11.65 16.90 -5.13
N LEU A 250 11.62 15.63 -5.53
CA LEU A 250 10.72 14.64 -4.96
C LEU A 250 11.09 14.26 -3.53
N PHE A 251 12.25 14.72 -3.07
CA PHE A 251 12.78 14.27 -1.80
C PHE A 251 12.86 15.36 -0.72
N VAL A 252 11.98 16.35 -0.82
CA VAL A 252 11.90 17.38 0.21
C VAL A 252 10.90 16.97 1.30
N SER A 253 11.22 17.31 2.55
CA SER A 253 10.34 17.04 3.68
C SER A 253 9.02 17.77 3.47
N GLN A 254 7.92 17.16 3.90
CA GLN A 254 6.62 17.79 3.66
C GLN A 254 5.64 17.65 4.83
N PRO A 255 4.75 18.66 4.96
CA PRO A 255 3.72 18.80 6.00
C PRO A 255 3.13 17.49 6.49
N ASP A 256 2.65 16.65 5.58
CA ASP A 256 1.99 15.41 5.97
C ASP A 256 2.13 14.29 4.95
N LEU A 257 1.38 13.23 5.18
CA LEU A 257 1.44 12.02 4.36
C LEU A 257 0.76 12.21 3.01
N LEU A 258 -0.26 13.06 2.98
CA LEU A 258 -1.02 13.32 1.77
C LEU A 258 -0.23 14.16 0.76
N HIS A 259 0.70 14.97 1.26
CA HIS A 259 1.51 15.81 0.39
C HIS A 259 2.67 15.05 -0.24
N GLN A 260 2.63 13.71 -0.15
CA GLN A 260 3.66 12.85 -0.72
C GLN A 260 3.79 13.02 -2.24
N LEU A 261 5.03 13.15 -2.72
CA LEU A 261 5.26 13.42 -4.13
C LEU A 261 5.80 12.17 -4.83
N VAL A 262 5.32 11.92 -6.04
CA VAL A 262 5.73 10.76 -6.81
C VAL A 262 5.86 11.17 -8.28
N THR A 263 6.46 10.32 -9.11
CA THR A 263 6.67 10.68 -10.51
C THR A 263 6.72 9.51 -11.49
N ILE A 264 6.51 9.84 -12.75
CA ILE A 264 6.72 8.95 -13.89
C ILE A 264 8.20 8.91 -14.24
N MET A 265 8.77 7.72 -14.40
CA MET A 265 10.17 7.59 -14.84
C MET A 265 10.35 6.36 -15.73
N ASN A 266 10.97 6.58 -16.89
CA ASN A 266 11.24 5.48 -17.85
C ASN A 266 11.99 4.33 -17.21
N PRO A 267 11.46 3.08 -17.32
CA PRO A 267 12.21 1.98 -16.71
C PRO A 267 13.59 1.75 -17.34
N ASN A 268 13.78 2.16 -18.59
CA ASN A 268 15.11 2.03 -19.21
C ASN A 268 16.14 2.86 -18.48
N THR A 269 15.69 4.00 -17.95
CA THR A 269 16.58 4.84 -17.16
C THR A 269 17.07 4.08 -15.93
N LEU A 270 16.17 3.35 -15.29
CA LEU A 270 16.55 2.57 -14.12
C LEU A 270 17.44 1.40 -14.52
N MET A 271 17.08 0.71 -15.60
CA MET A 271 17.87 -0.42 -16.09
C MET A 271 19.30 0.02 -16.47
N THR A 272 19.41 1.23 -17.02
CA THR A 272 20.71 1.82 -17.33
C THR A 272 21.57 1.99 -16.07
N HIS A 273 20.93 2.30 -14.95
CA HIS A 273 21.67 2.47 -13.70
C HIS A 273 21.67 1.19 -12.87
N GLU A 274 21.54 0.06 -13.55
CA GLU A 274 21.67 -1.27 -12.93
C GLU A 274 20.56 -1.62 -11.92
N VAL A 275 19.41 -0.97 -12.04
CA VAL A 275 18.23 -1.37 -11.29
C VAL A 275 17.45 -2.42 -12.07
N PRO A 276 17.28 -3.60 -11.49
CA PRO A 276 16.49 -4.62 -12.18
C PRO A 276 15.01 -4.22 -12.29
N VAL A 277 14.45 -4.28 -13.49
CA VAL A 277 13.04 -3.96 -13.70
C VAL A 277 12.38 -5.08 -14.48
N TYR A 278 11.12 -5.39 -14.13
CA TYR A 278 10.31 -6.37 -14.85
C TYR A 278 9.00 -5.72 -15.29
N ARG A 279 8.36 -6.31 -16.29
CA ARG A 279 7.12 -5.72 -16.80
C ARG A 279 6.05 -6.77 -16.89
N THR A 280 4.81 -6.32 -17.03
CA THR A 280 3.77 -7.21 -17.48
C THR A 280 2.57 -6.43 -18.01
N ASN A 281 1.80 -7.08 -18.86
CA ASN A 281 0.48 -6.58 -19.21
C ASN A 281 -0.55 -7.38 -18.46
N GLN A 282 -1.27 -6.73 -17.56
CA GLN A 282 -2.34 -7.40 -16.82
C GLN A 282 -3.64 -7.31 -17.60
N CYS A 283 -4.18 -8.45 -17.98
CA CYS A 283 -5.44 -8.51 -18.70
C CYS A 283 -6.61 -8.76 -17.76
N ALA A 284 -7.81 -8.47 -18.24
CA ALA A 284 -9.03 -8.62 -17.45
C ALA A 284 -9.13 -10.03 -16.90
N GLY A 285 -9.47 -10.16 -15.62
CA GLY A 285 -9.54 -11.46 -14.99
C GLY A 285 -8.22 -11.94 -14.41
N GLU A 286 -7.18 -11.12 -14.51
CA GLU A 286 -5.90 -11.49 -13.90
C GLU A 286 -5.55 -10.64 -12.68
N PHE A 287 -4.76 -11.23 -11.78
CA PHE A 287 -4.23 -10.55 -10.60
C PHE A 287 -2.79 -10.17 -10.77
N VAL A 288 -2.40 -9.02 -10.23
CA VAL A 288 -0.99 -8.71 -10.03
C VAL A 288 -0.73 -8.62 -8.52
N ILE A 289 0.36 -9.19 -8.06
CA ILE A 289 0.74 -9.11 -6.66
C ILE A 289 2.06 -8.35 -6.56
N THR A 290 2.10 -7.33 -5.70
CA THR A 290 3.36 -6.66 -5.39
C THR A 290 3.84 -7.05 -4.01
N PHE A 291 5.15 -7.26 -3.90
CA PHE A 291 5.74 -7.75 -2.66
C PHE A 291 6.29 -6.61 -1.82
N PRO A 292 6.63 -6.89 -0.55
CA PRO A 292 7.08 -5.81 0.34
C PRO A 292 8.28 -5.02 -0.20
N ARG A 293 8.12 -3.70 -0.17
CA ARG A 293 9.13 -2.74 -0.61
C ARG A 293 9.48 -2.85 -2.09
N ALA A 294 8.61 -3.48 -2.87
CA ALA A 294 8.79 -3.58 -4.33
C ALA A 294 8.21 -2.36 -5.03
N TYR A 295 9.08 -1.54 -5.61
CA TYR A 295 8.63 -0.37 -6.35
C TYR A 295 7.84 -0.82 -7.59
N HIS A 296 6.78 -0.10 -7.92
CA HIS A 296 6.02 -0.43 -9.11
C HIS A 296 5.40 0.84 -9.67
N SER A 297 5.09 0.80 -10.96
CA SER A 297 4.42 1.90 -11.65
C SER A 297 3.74 1.31 -12.88
N GLY A 298 2.94 2.11 -13.58
CA GLY A 298 2.36 1.61 -14.81
C GLY A 298 1.38 2.56 -15.46
N PHE A 299 0.68 2.08 -16.47
CA PHE A 299 -0.30 2.92 -17.13
C PHE A 299 -1.34 2.02 -17.74
N ASN A 300 -2.50 2.56 -18.04
CA ASN A 300 -3.54 1.75 -18.65
C ASN A 300 -3.48 1.79 -20.17
N GLN A 301 -3.75 0.65 -20.79
CA GLN A 301 -3.83 0.54 -22.23
C GLN A 301 -5.11 1.15 -22.79
N GLY A 302 -6.11 1.34 -21.94
CA GLY A 302 -7.38 1.85 -22.37
C GLY A 302 -8.38 1.83 -21.24
N PHE A 303 -9.66 2.03 -21.56
CA PHE A 303 -10.78 2.06 -20.60
C PHE A 303 -10.83 0.76 -19.80
N ASN A 304 -10.73 0.84 -18.48
CA ASN A 304 -10.75 -0.38 -17.67
C ASN A 304 -11.13 -0.10 -16.21
N PHE A 305 -11.26 -1.15 -15.41
CA PHE A 305 -11.72 -1.02 -14.02
C PHE A 305 -11.01 -2.07 -13.19
N ALA A 306 -10.26 -1.61 -12.19
CA ALA A 306 -9.45 -2.48 -11.36
C ALA A 306 -9.79 -2.23 -9.91
N GLU A 307 -9.40 -3.18 -9.06
CA GLU A 307 -9.63 -3.12 -7.63
C GLU A 307 -8.38 -3.65 -6.95
N ALA A 308 -7.91 -2.96 -5.91
CA ALA A 308 -6.65 -3.33 -5.30
C ALA A 308 -6.70 -3.14 -3.78
N VAL A 309 -5.96 -3.95 -3.03
CA VAL A 309 -5.98 -3.77 -1.58
C VAL A 309 -4.62 -4.12 -1.02
N ASN A 310 -4.23 -3.43 0.05
CA ASN A 310 -3.01 -3.77 0.75
C ASN A 310 -3.26 -5.00 1.62
N PHE A 311 -2.21 -5.77 1.89
CA PHE A 311 -2.34 -6.77 2.93
C PHE A 311 -0.97 -7.12 3.50
N CYS A 312 -1.02 -7.74 4.66
CA CYS A 312 0.20 -8.06 5.41
C CYS A 312 0.11 -9.47 5.94
N THR A 313 1.08 -10.29 5.58
CA THR A 313 1.13 -11.67 6.01
C THR A 313 2.13 -11.77 7.16
N VAL A 314 2.26 -12.95 7.76
CA VAL A 314 3.21 -13.17 8.85
C VAL A 314 4.65 -12.91 8.41
N ASP A 315 4.95 -13.29 7.17
N ASP A 315 4.96 -13.25 7.17
CA ASP A 315 6.24 -13.06 6.54
CA ASP A 315 6.30 -13.04 6.63
C ASP A 315 6.66 -11.59 6.60
C ASP A 315 6.66 -11.56 6.65
N TRP A 316 5.66 -10.71 6.49
CA TRP A 316 5.89 -9.28 6.44
C TRP A 316 6.27 -8.63 7.77
N LEU A 317 5.90 -9.25 8.89
CA LEU A 317 6.04 -8.59 10.20
C LEU A 317 7.42 -7.98 10.49
N PRO A 318 8.52 -8.73 10.27
CA PRO A 318 9.83 -8.11 10.51
C PRO A 318 10.08 -6.91 9.61
N LEU A 319 9.63 -6.98 8.35
CA LEU A 319 9.82 -5.88 7.44
C LEU A 319 8.99 -4.68 7.86
N GLY A 320 7.82 -4.96 8.42
CA GLY A 320 6.99 -3.90 8.94
C GLY A 320 7.70 -3.12 10.04
N ARG A 321 8.40 -3.83 10.91
CA ARG A 321 9.18 -3.16 11.98
C ARG A 321 10.31 -2.32 11.38
N GLN A 322 11.01 -2.90 10.41
N GLN A 322 11.04 -2.89 10.42
CA GLN A 322 12.11 -2.23 9.72
CA GLN A 322 12.12 -2.19 9.74
C GLN A 322 11.62 -0.99 8.97
C GLN A 322 11.59 -0.94 9.03
N CYS A 323 10.41 -1.05 8.44
CA CYS A 323 9.84 0.07 7.73
C CYS A 323 9.62 1.28 8.64
N VAL A 324 9.06 1.05 9.82
CA VAL A 324 8.78 2.14 10.75
C VAL A 324 10.08 2.78 11.24
N GLU A 325 11.10 1.96 11.40
CA GLU A 325 12.44 2.45 11.68
C GLU A 325 12.92 3.38 10.55
N HIS A 326 12.75 2.92 9.32
CA HIS A 326 13.12 3.73 8.16
C HIS A 326 12.32 5.01 8.10
N TYR A 327 11.02 4.93 8.39
CA TYR A 327 10.18 6.13 8.44
C TYR A 327 10.71 7.12 9.47
N ARG A 328 11.17 6.61 10.60
CA ARG A 328 11.68 7.49 11.67
C ARG A 328 12.91 8.26 11.18
N LEU A 329 13.84 7.55 10.53
CA LEU A 329 15.03 8.18 9.98
C LEU A 329 14.71 9.27 8.97
N LEU A 330 13.63 9.11 8.22
CA LEU A 330 13.23 10.08 7.19
C LEU A 330 12.24 11.11 7.69
N HIS A 331 11.84 10.97 8.95
CA HIS A 331 10.78 11.81 9.51
C HIS A 331 9.49 11.68 8.72
N ARG A 332 9.19 10.46 8.27
CA ARG A 332 7.95 10.22 7.53
C ARG A 332 6.82 9.75 8.47
N TYR A 333 5.63 10.30 8.27
CA TYR A 333 4.45 9.90 9.05
C TYR A 333 4.07 8.43 8.87
N CYS A 334 3.55 7.82 9.93
CA CYS A 334 3.08 6.43 9.89
C CYS A 334 1.60 6.40 9.60
N VAL A 335 1.13 5.31 9.01
CA VAL A 335 -0.31 5.14 8.84
C VAL A 335 -0.90 4.56 10.14
N PHE A 336 -0.14 3.72 10.82
CA PHE A 336 -0.58 3.17 12.09
C PHE A 336 0.64 2.87 12.93
N SER A 337 0.41 2.56 14.21
CA SER A 337 1.49 2.13 15.07
C SER A 337 1.72 0.61 14.94
N HIS A 338 2.92 0.23 14.49
CA HIS A 338 3.25 -1.19 14.38
C HIS A 338 3.22 -1.89 15.75
N ASP A 339 3.84 -1.28 16.75
CA ASP A 339 3.83 -1.84 18.11
C ASP A 339 2.41 -1.97 18.66
N GLU A 340 1.54 -0.99 18.39
CA GLU A 340 0.17 -1.08 18.85
C GLU A 340 -0.50 -2.29 18.18
N MET A 341 -0.20 -2.53 16.92
CA MET A 341 -0.77 -3.69 16.22
C MET A 341 -0.32 -4.98 16.88
N ILE A 342 0.96 -5.07 17.19
CA ILE A 342 1.54 -6.24 17.83
C ILE A 342 0.91 -6.50 19.20
N CYS A 343 0.72 -5.45 20.00
CA CYS A 343 0.19 -5.63 21.34
C CYS A 343 -1.29 -5.96 21.28
N LYS A 344 -1.98 -5.44 20.29
CA LYS A 344 -3.37 -5.79 20.11
C LYS A 344 -3.51 -7.29 19.82
N MET A 345 -2.64 -7.82 18.96
CA MET A 345 -2.69 -9.24 18.65
C MET A 345 -2.31 -10.09 19.87
N ALA A 346 -1.31 -9.65 20.62
CA ALA A 346 -0.93 -10.33 21.86
C ALA A 346 -2.10 -10.38 22.84
N SER A 347 -2.84 -9.30 22.93
CA SER A 347 -4.01 -9.25 23.80
C SER A 347 -5.12 -10.20 23.33
N LYS A 348 -5.00 -10.71 22.11
CA LYS A 348 -6.01 -11.59 21.55
C LYS A 348 -5.41 -12.95 21.24
N ALA A 349 -4.37 -13.31 21.99
CA ALA A 349 -3.56 -14.48 21.70
C ALA A 349 -4.39 -15.76 21.68
N ASP A 350 -5.44 -15.81 22.49
CA ASP A 350 -6.23 -17.05 22.59
C ASP A 350 -7.03 -17.34 21.32
N VAL A 351 -7.27 -16.33 20.49
CA VAL A 351 -8.08 -16.53 19.29
C VAL A 351 -7.26 -16.36 18.00
N LEU A 352 -5.95 -16.20 18.15
CA LEU A 352 -5.06 -16.06 17.01
C LEU A 352 -4.76 -17.38 16.33
N ASP A 353 -4.71 -17.34 15.00
CA ASP A 353 -4.13 -18.43 14.24
C ASP A 353 -2.76 -18.78 14.83
N VAL A 354 -2.44 -20.05 14.94
CA VAL A 354 -1.26 -20.43 15.71
C VAL A 354 0.07 -20.07 15.04
N VAL A 355 0.10 -20.06 13.70
CA VAL A 355 1.29 -19.60 12.98
C VAL A 355 1.48 -18.11 13.18
N VAL A 356 0.37 -17.38 13.16
CA VAL A 356 0.41 -15.95 13.44
C VAL A 356 0.96 -15.73 14.83
N ALA A 357 0.47 -16.50 15.81
CA ALA A 357 0.93 -16.34 17.20
C ALA A 357 2.43 -16.51 17.30
N SER A 358 2.96 -17.54 16.66
CA SER A 358 4.39 -17.80 16.70
C SER A 358 5.22 -16.63 16.13
N THR A 359 4.80 -16.10 14.99
CA THR A 359 5.53 -15.00 14.36
C THR A 359 5.39 -13.67 15.14
N VAL A 360 4.21 -13.42 15.67
CA VAL A 360 3.99 -12.24 16.47
C VAL A 360 4.89 -12.32 17.71
N GLN A 361 5.00 -13.51 18.29
CA GLN A 361 5.83 -13.68 19.48
C GLN A 361 7.29 -13.29 19.22
N LYS A 362 7.82 -13.69 18.07
CA LYS A 362 9.19 -13.32 17.70
C LYS A 362 9.37 -11.81 17.54
N ASP A 363 8.42 -11.14 16.90
CA ASP A 363 8.51 -9.68 16.75
C ASP A 363 8.36 -9.00 18.09
N MET A 364 7.49 -9.54 18.93
CA MET A 364 7.27 -8.93 20.25
C MET A 364 8.53 -9.00 21.10
N ALA A 365 9.26 -10.10 21.00
CA ALA A 365 10.51 -10.29 21.73
C ALA A 365 11.51 -9.23 21.35
N ILE A 366 11.60 -8.92 20.06
CA ILE A 366 12.47 -7.87 19.60
C ILE A 366 12.00 -6.52 20.14
N MET A 367 10.70 -6.29 20.10
CA MET A 367 10.13 -5.03 20.57
C MET A 367 10.48 -4.82 22.02
N ILE A 368 10.35 -5.87 22.81
CA ILE A 368 10.53 -5.73 24.24
C ILE A 368 12.00 -5.44 24.56
N GLU A 369 12.90 -6.16 23.93
CA GLU A 369 14.32 -5.89 24.16
C GLU A 369 14.73 -4.49 23.71
N ASP A 370 14.20 -4.03 22.59
CA ASP A 370 14.49 -2.67 22.14
C ASP A 370 13.94 -1.64 23.13
N GLU A 371 12.74 -1.90 23.64
CA GLU A 371 12.08 -0.96 24.55
C GLU A 371 12.85 -0.89 25.87
N LYS A 372 13.26 -2.06 26.34
CA LYS A 372 14.04 -2.14 27.57
C LYS A 372 15.26 -1.26 27.45
N ALA A 373 15.95 -1.34 26.32
CA ALA A 373 17.18 -0.58 26.13
C ALA A 373 16.91 0.92 26.04
N LEU A 374 15.85 1.30 25.34
CA LEU A 374 15.52 2.72 25.22
C LEU A 374 15.14 3.30 26.58
N ARG A 375 14.45 2.52 27.40
CA ARG A 375 14.01 3.06 28.68
C ARG A 375 15.21 3.24 29.61
N GLU A 376 16.20 2.37 29.46
CA GLU A 376 17.38 2.50 30.30
C GLU A 376 18.18 3.73 29.89
N THR A 377 18.19 3.99 28.59
CA THR A 377 18.89 5.16 28.08
C THR A 377 18.25 6.46 28.56
N VAL A 378 16.92 6.56 28.52
CA VAL A 378 16.33 7.82 28.93
C VAL A 378 16.39 7.99 30.47
N ARG A 379 16.37 6.89 31.22
CA ARG A 379 16.59 6.98 32.66
C ARG A 379 17.98 7.58 32.96
N LYS A 380 19.00 7.15 32.23
CA LYS A 380 20.35 7.70 32.42
C LYS A 380 20.43 9.15 31.98
N LEU A 381 19.44 9.64 31.23
CA LEU A 381 19.41 11.06 30.90
C LEU A 381 18.68 11.85 32.00
N GLY A 382 18.30 11.17 33.07
CA GLY A 382 17.72 11.86 34.20
C GLY A 382 16.20 11.97 34.17
N VAL A 383 15.56 11.23 33.27
CA VAL A 383 14.10 11.18 33.26
C VAL A 383 13.68 10.18 34.32
N ILE A 384 13.06 10.67 35.38
CA ILE A 384 12.79 9.81 36.53
C ILE A 384 11.29 9.58 36.73
N ASP A 385 10.52 10.64 36.64
CA ASP A 385 9.08 10.53 36.79
C ASP A 385 8.51 9.74 35.61
N SER A 386 7.44 9.00 35.87
CA SER A 386 6.76 8.24 34.82
C SER A 386 5.29 8.10 35.17
N GLU A 387 4.48 7.85 34.16
CA GLU A 387 3.06 7.57 34.38
C GLU A 387 2.55 6.74 33.20
N ARG A 388 1.69 5.75 33.49
N ARG A 388 1.69 5.75 33.49
CA ARG A 388 1.06 4.98 32.44
CA ARG A 388 1.06 4.97 32.42
C ARG A 388 0.22 5.91 31.55
C ARG A 388 0.18 5.86 31.56
N MET A 389 0.22 5.64 30.26
CA MET A 389 -0.59 6.42 29.35
C MET A 389 -1.20 5.51 28.30
N ASP A 390 -2.52 5.60 28.11
CA ASP A 390 -3.20 4.77 27.11
C ASP A 390 -3.10 5.42 25.73
N PHE A 391 -1.94 5.29 25.10
CA PHE A 391 -1.69 5.92 23.81
C PHE A 391 -2.75 5.62 22.76
N GLU A 392 -3.31 4.41 22.75
CA GLU A 392 -4.27 4.06 21.69
C GLU A 392 -5.52 4.95 21.71
N LEU A 393 -5.74 5.67 22.81
CA LEU A 393 -6.88 6.58 22.92
C LEU A 393 -6.66 7.95 22.25
N LEU A 394 -5.41 8.32 22.05
CA LEU A 394 -5.09 9.60 21.43
C LEU A 394 -5.24 9.53 19.92
N PRO A 395 -5.88 10.55 19.33
CA PRO A 395 -5.80 10.69 17.87
C PRO A 395 -4.33 10.65 17.45
N ASP A 396 -4.05 10.07 16.29
CA ASP A 396 -2.66 9.93 15.80
C ASP A 396 -1.89 11.24 15.84
N ASP A 397 -2.51 12.33 15.42
CA ASP A 397 -1.77 13.58 15.31
C ASP A 397 -1.57 14.21 16.68
N GLU A 398 -2.08 13.56 17.73
CA GLU A 398 -1.79 14.01 19.08
C GLU A 398 -0.73 13.13 19.76
N ARG A 399 -0.19 12.15 19.05
CA ARG A 399 0.84 11.33 19.66
C ARG A 399 2.00 11.06 18.71
N GLN A 400 2.35 12.07 17.93
CA GLN A 400 3.50 12.01 17.05
C GLN A 400 4.69 12.71 17.70
N CYS A 401 5.86 12.08 17.54
CA CYS A 401 7.12 12.68 17.96
C CYS A 401 7.30 14.01 17.22
N VAL A 402 7.52 15.11 17.94
CA VAL A 402 7.67 16.40 17.27
C VAL A 402 8.88 16.42 16.35
N LYS A 403 9.86 15.56 16.61
CA LYS A 403 11.04 15.48 15.74
C LYS A 403 10.88 14.57 14.53
N CYS A 404 10.54 13.30 14.74
CA CYS A 404 10.63 12.34 13.65
C CYS A 404 9.26 11.86 13.16
N LYS A 405 8.21 12.41 13.76
CA LYS A 405 6.81 12.21 13.39
C LYS A 405 6.30 10.78 13.61
N THR A 406 7.09 9.92 14.24
CA THR A 406 6.65 8.54 14.44
C THR A 406 5.42 8.54 15.36
N THR A 407 4.53 7.58 15.14
CA THR A 407 3.35 7.47 16.00
C THR A 407 3.76 6.70 17.26
N CYS A 408 3.65 7.36 18.41
CA CYS A 408 4.05 6.73 19.66
C CYS A 408 3.02 5.72 20.19
N PHE A 409 3.50 4.65 20.83
CA PHE A 409 2.58 3.76 21.52
C PHE A 409 3.21 3.11 22.76
N MET A 410 4.38 2.50 22.60
CA MET A 410 5.01 1.84 23.73
C MET A 410 5.39 2.86 24.80
N SER A 411 5.92 4.01 24.37
CA SER A 411 6.31 5.08 25.29
C SER A 411 6.64 6.38 24.59
N ALA A 412 6.71 7.45 25.38
CA ALA A 412 7.07 8.75 24.85
C ALA A 412 7.54 9.59 26.03
N ILE A 413 8.16 10.72 25.73
CA ILE A 413 8.57 11.65 26.77
C ILE A 413 7.73 12.91 26.64
N SER A 414 7.21 13.38 27.77
CA SER A 414 6.54 14.66 27.80
C SER A 414 7.32 15.57 28.75
N CYS A 415 6.95 16.84 28.77
CA CYS A 415 7.58 17.80 29.67
C CYS A 415 6.58 18.90 29.99
N SER A 416 6.49 19.25 31.27
CA SER A 416 5.53 20.26 31.71
C SER A 416 5.79 21.62 31.03
N CYS A 417 7.04 21.86 30.65
CA CYS A 417 7.43 23.09 29.95
C CYS A 417 6.82 23.22 28.56
N LYS A 418 6.49 22.10 27.93
CA LYS A 418 5.87 22.10 26.61
C LYS A 418 4.63 21.22 26.59
N PRO A 419 3.53 21.71 27.18
CA PRO A 419 2.27 20.95 27.35
C PRO A 419 1.78 20.39 26.03
N GLY A 420 1.35 19.13 26.02
CA GLY A 420 0.79 18.53 24.82
C GLY A 420 1.77 17.97 23.82
N LEU A 421 3.06 18.30 23.95
CA LEU A 421 4.05 17.76 23.03
C LEU A 421 4.71 16.45 23.51
N LEU A 422 5.07 15.59 22.57
CA LEU A 422 5.72 14.33 22.87
C LEU A 422 6.93 14.14 22.00
N VAL A 423 7.93 13.44 22.51
CA VAL A 423 8.94 12.86 21.64
C VAL A 423 9.04 11.39 21.90
N CYS A 424 9.44 10.62 20.89
CA CYS A 424 9.77 9.22 21.10
C CYS A 424 11.08 9.15 21.88
N LEU A 425 11.46 7.96 22.30
CA LEU A 425 12.61 7.84 23.19
C LEU A 425 13.94 8.03 22.46
N HIS A 426 13.92 8.02 21.13
CA HIS A 426 15.12 8.37 20.36
C HIS A 426 15.40 9.86 20.34
N HIS A 427 14.42 10.67 20.74
CA HIS A 427 14.50 12.11 20.55
C HIS A 427 14.22 12.90 21.81
N VAL A 428 14.54 12.29 22.94
CA VAL A 428 14.45 12.93 24.26
C VAL A 428 15.03 14.34 24.29
N LYS A 429 16.16 14.55 23.62
CA LYS A 429 16.82 15.85 23.65
C LYS A 429 16.17 16.89 22.75
N GLU A 430 15.10 16.53 22.04
CA GLU A 430 14.52 17.43 21.04
C GLU A 430 13.21 18.06 21.48
N LEU A 431 12.86 17.90 22.75
CA LEU A 431 11.54 18.32 23.22
C LEU A 431 11.53 19.74 23.78
N CYS A 432 12.42 20.00 24.73
CA CYS A 432 12.41 21.27 25.46
C CYS A 432 13.80 21.54 26.04
N SER A 433 13.95 22.67 26.71
CA SER A 433 15.27 23.01 27.25
C SER A 433 15.27 22.93 28.78
N CYS A 434 14.26 22.28 29.34
CA CYS A 434 14.13 22.27 30.78
C CYS A 434 15.03 21.21 31.44
N PRO A 435 15.22 21.33 32.75
CA PRO A 435 16.03 20.31 33.42
C PRO A 435 15.37 18.93 33.33
N PRO A 436 16.17 17.86 33.43
CA PRO A 436 15.75 16.48 33.17
C PRO A 436 14.57 16.03 33.99
N TYR A 437 14.56 16.43 35.26
CA TYR A 437 13.58 15.95 36.19
C TYR A 437 12.20 16.53 35.91
N LYS A 438 12.13 17.49 35.01
CA LYS A 438 10.85 18.05 34.58
C LYS A 438 10.20 17.18 33.50
N TYR A 439 10.95 16.19 33.01
CA TYR A 439 10.46 15.29 31.98
C TYR A 439 9.71 14.13 32.61
N LYS A 440 8.80 13.52 31.85
CA LYS A 440 8.05 12.37 32.31
C LYS A 440 8.09 11.28 31.23
N LEU A 441 8.42 10.07 31.62
CA LEU A 441 8.22 8.93 30.74
C LEU A 441 6.74 8.51 30.76
N ARG A 442 6.07 8.62 29.62
CA ARG A 442 4.71 8.08 29.47
CA ARG A 442 4.72 8.08 29.50
C ARG A 442 4.81 6.73 28.81
N TYR A 443 4.29 5.69 29.46
CA TYR A 443 4.41 4.33 28.92
C TYR A 443 3.10 3.58 28.86
N ARG A 444 2.94 2.70 27.88
CA ARG A 444 1.70 1.96 27.79
C ARG A 444 1.70 0.77 28.77
N TYR A 445 2.83 0.09 28.84
CA TYR A 445 2.97 -1.14 29.62
C TYR A 445 4.28 -1.14 30.40
N THR A 446 4.27 -1.74 31.60
CA THR A 446 5.53 -2.02 32.28
C THR A 446 6.12 -3.26 31.62
N LEU A 447 7.42 -3.48 31.81
CA LEU A 447 8.04 -4.71 31.34
C LEU A 447 7.35 -5.91 31.96
N ASP A 448 6.90 -5.77 33.20
CA ASP A 448 6.16 -6.83 33.89
C ASP A 448 4.80 -7.12 33.26
N ASP A 449 4.17 -6.12 32.62
CA ASP A 449 2.95 -6.35 31.84
C ASP A 449 3.29 -7.14 30.55
N LEU A 450 4.42 -6.79 29.95
CA LEU A 450 4.75 -7.23 28.59
C LEU A 450 5.16 -8.70 28.48
N TYR A 451 5.96 -9.19 29.41
CA TYR A 451 6.43 -10.58 29.32
C TYR A 451 5.30 -11.64 29.42
N PRO A 452 4.26 -11.42 30.26
CA PRO A 452 3.13 -12.35 30.20
C PRO A 452 2.35 -12.32 28.88
N MET A 453 2.30 -11.16 28.25
CA MET A 453 1.57 -11.02 26.99
C MET A 453 2.29 -11.87 25.96
N MET A 454 3.62 -11.77 25.98
CA MET A 454 4.40 -12.53 25.04
C MET A 454 4.30 -14.02 25.37
N ASN A 455 4.19 -14.34 26.66
N ASN A 455 4.16 -14.32 26.66
CA ASN A 455 4.04 -15.74 27.10
CA ASN A 455 4.06 -15.71 27.10
C ASN A 455 2.76 -16.37 26.58
C ASN A 455 2.75 -16.37 26.65
N ALA A 456 1.68 -15.58 26.57
CA ALA A 456 0.41 -16.06 26.06
C ALA A 456 0.53 -16.44 24.59
N LEU A 457 1.28 -15.63 23.83
CA LEU A 457 1.51 -15.95 22.41
C LEU A 457 2.25 -17.27 22.29
N LYS A 458 3.27 -17.46 23.11
CA LYS A 458 4.07 -18.68 23.05
C LYS A 458 3.22 -19.93 23.34
N LEU A 459 2.40 -19.85 24.39
CA LEU A 459 1.47 -20.92 24.70
C LEU A 459 0.52 -21.20 23.53
N ARG A 460 -0.02 -20.15 22.92
CA ARG A 460 -0.91 -20.33 21.79
C ARG A 460 -0.18 -21.01 20.64
N ALA A 461 1.07 -20.61 20.44
CA ALA A 461 1.88 -21.17 19.36
C ALA A 461 2.33 -22.59 19.71
N GLU A 462 2.36 -22.87 21.01
CA GLU A 462 2.74 -24.16 21.58
C GLU A 462 4.19 -24.48 21.26
#